data_5KQE
#
_entry.id   5KQE
#
_entity_poly.entity_id   1
_entity_poly.type   'polyribonucleotide'
_entity_poly.pdbx_seq_one_letter_code
;GGGUGUACUUAACGUUUGCUUCGGCAAACUACAUCC
;
_entity_poly.pdbx_strand_id   A
#
loop_
_chem_comp.id
_chem_comp.type
_chem_comp.name
_chem_comp.formula
A RNA linking ADENOSINE-5'-MONOPHOSPHATE 'C10 H14 N5 O7 P'
C RNA linking CYTIDINE-5'-MONOPHOSPHATE 'C9 H14 N3 O8 P'
G RNA linking GUANOSINE-5'-MONOPHOSPHATE 'C10 H14 N5 O8 P'
U RNA linking URIDINE-5'-MONOPHOSPHATE 'C9 H13 N2 O9 P'
#